data_4RPM
#
_entry.id   4RPM
#
_cell.length_a   45.670
_cell.length_b   52.360
_cell.length_c   168.030
_cell.angle_alpha   90.000
_cell.angle_beta   90.000
_cell.angle_gamma   90.000
#
_symmetry.space_group_name_H-M   'P 21 21 21'
#
loop_
_entity.id
_entity.type
_entity.pdbx_description
1 polymer 'SAT domain from CazM'
2 non-polymer 'HEXANOIC ACID'
3 non-polymer 'HEXANOYL-COENZYME A'
4 water water
#
_entity_poly.entity_id   1
_entity_poly.type   'polypeptide(L)'
_entity_poly.pdbx_seq_one_letter_code
;GSHGGSEF(MSE)ISVADLDYASRKSSIFLFAPHVGTFTKQS(MSE)DKLVRPLAASAHRDWILDTVAGLPTYWDALAVK
IPNIGNAIPGRRQLTDLDTWFRHGAGDVTQDDATLPSIVVGPLVVLIQLTQYWRYLELTRPDHLEDSADLQADVVTRQTQ
PGAKVETLGFCAGLLAAVAVASAGNRQEFQKYGAVAVRLA(MSE)(MSE)AGALIDGQEARDKATRDGGSVSYAIAWRGQ
KPGEEAARIVKDLNPNAYFAVLYDEARATVTTTRRTAPSLVNRLRAADVTVAEIGIKGRIHSPDSERKNNTDLLVDLCKS
FEDLQYADAASLALPTYNNEAEGRPVSRDRGN(MSE)TE(MSE)VIRAILVNQCNWYGTFKGATEGREPFVVTLGLERSV
PPTL(MSE)RSLGPHQVHYEDLADNGIPPAPQSP
;
_entity_poly.pdbx_strand_id   A
#
loop_
_chem_comp.id
_chem_comp.type
_chem_comp.name
_chem_comp.formula
6NA non-polymer 'HEXANOIC ACID' 'C6 H12 O2'
HXC non-polymer 'HEXANOYL-COENZYME A' 'C27 H46 N7 O17 P3 S'
#
# COMPACT_ATOMS: atom_id res chain seq x y z
N MSE A 9 8.26 18.70 -12.51
CA MSE A 9 9.43 18.13 -11.85
C MSE A 9 10.10 19.12 -10.91
O MSE A 9 10.29 20.28 -11.25
CB MSE A 9 10.44 17.63 -12.89
CG MSE A 9 11.79 17.22 -12.31
SE MSE A 9 12.99 16.42 -13.62
CE MSE A 9 12.03 14.75 -13.91
N ILE A 10 10.46 18.64 -9.73
CA ILE A 10 11.10 19.50 -8.73
C ILE A 10 12.38 18.87 -8.19
N SER A 11 13.41 19.70 -8.05
CA SER A 11 14.69 19.25 -7.53
C SER A 11 14.67 19.25 -6.01
N VAL A 12 15.32 18.26 -5.40
CA VAL A 12 15.41 18.20 -3.95
C VAL A 12 15.97 19.50 -3.38
N ALA A 13 16.88 20.12 -4.12
CA ALA A 13 17.52 21.35 -3.69
C ALA A 13 16.54 22.52 -3.59
N ASP A 14 15.35 22.34 -4.16
CA ASP A 14 14.35 23.40 -4.17
C ASP A 14 13.22 23.15 -3.19
N LEU A 15 13.35 22.11 -2.37
CA LEU A 15 12.29 21.72 -1.43
C LEU A 15 12.33 22.45 -0.10
N ASP A 16 13.48 23.05 0.23
CA ASP A 16 13.72 23.63 1.55
C ASP A 16 13.37 22.63 2.66
N TYR A 17 13.74 21.36 2.44
CA TYR A 17 13.47 20.30 3.39
C TYR A 17 14.22 20.56 4.71
N ALA A 18 15.34 21.28 4.63
CA ALA A 18 16.13 21.59 5.81
C ALA A 18 15.37 22.45 6.82
N SER A 19 14.31 23.12 6.36
CA SER A 19 13.52 24.01 7.22
C SER A 19 12.24 23.34 7.71
N ARG A 20 12.11 22.04 7.45
CA ARG A 20 10.93 21.30 7.89
C ARG A 20 10.77 21.34 9.41
N LYS A 21 9.52 21.22 9.87
CA LYS A 21 9.25 21.13 11.30
C LYS A 21 9.29 19.66 11.74
N SER A 22 8.94 18.77 10.82
CA SER A 22 8.93 17.32 11.02
C SER A 22 8.67 16.69 9.67
N SER A 23 8.66 15.36 9.62
CA SER A 23 8.36 14.65 8.38
C SER A 23 7.32 13.59 8.62
N ILE A 24 6.44 13.38 7.65
CA ILE A 24 5.62 12.20 7.59
C ILE A 24 5.95 11.54 6.27
N PHE A 25 6.37 10.29 6.33
CA PHE A 25 6.56 9.53 5.10
C PHE A 25 5.27 8.76 4.84
N LEU A 26 4.57 9.21 3.80
CA LEU A 26 3.26 8.69 3.43
C LEU A 26 3.45 7.62 2.36
N PHE A 27 3.07 6.39 2.68
CA PHE A 27 3.20 5.31 1.73
C PHE A 27 1.86 5.07 1.05
N ALA A 28 1.86 5.28 -0.26
CA ALA A 28 0.65 5.29 -1.07
C ALA A 28 -0.05 3.93 -1.19
N PRO A 29 -1.32 3.95 -1.57
CA PRO A 29 -2.05 2.72 -1.86
C PRO A 29 -1.83 2.29 -3.31
N HIS A 30 -2.39 1.13 -3.69
CA HIS A 30 -2.59 0.79 -5.10
C HIS A 30 -3.87 1.45 -5.61
N VAL A 31 -3.86 1.86 -6.87
CA VAL A 31 -5.07 2.38 -7.51
C VAL A 31 -5.13 1.84 -8.93
N GLY A 32 -4.18 2.26 -9.76
CA GLY A 32 -4.14 1.79 -11.13
C GLY A 32 -3.50 0.41 -11.23
N THR A 33 -3.74 -0.26 -12.36
CA THR A 33 -3.18 -1.59 -12.62
C THR A 33 -1.86 -1.52 -13.38
N PHE A 34 -1.21 -2.66 -13.51
CA PHE A 34 0.04 -2.76 -14.25
C PHE A 34 -0.03 -3.90 -15.24
N THR A 35 0.72 -3.76 -16.34
CA THR A 35 0.97 -4.87 -17.25
C THR A 35 2.41 -5.30 -17.04
N LYS A 36 2.80 -6.42 -17.63
CA LYS A 36 4.19 -6.84 -17.60
C LYS A 36 5.06 -5.71 -18.16
N GLN A 37 4.59 -5.10 -19.25
CA GLN A 37 5.32 -4.02 -19.89
C GLN A 37 5.53 -2.79 -19.00
N SER A 38 4.47 -2.27 -18.40
CA SER A 38 4.60 -1.09 -17.56
C SER A 38 5.39 -1.38 -16.28
N MSE A 39 5.20 -2.57 -15.71
CA MSE A 39 5.90 -2.92 -14.50
C MSE A 39 7.39 -3.19 -14.74
O MSE A 39 8.21 -2.96 -13.87
CB MSE A 39 5.24 -4.14 -13.85
CG MSE A 39 5.89 -4.57 -12.54
SE MSE A 39 5.95 -3.16 -11.16
CE MSE A 39 4.20 -3.47 -10.34
N ASP A 40 7.71 -3.71 -15.92
CA ASP A 40 9.10 -4.00 -16.26
C ASP A 40 9.97 -2.76 -16.15
N LYS A 41 9.40 -1.59 -16.44
CA LYS A 41 10.14 -0.34 -16.37
C LYS A 41 10.58 -0.03 -14.96
N LEU A 42 9.90 -0.61 -13.99
CA LEU A 42 10.23 -0.40 -12.58
C LEU A 42 11.04 -1.56 -12.02
N VAL A 43 10.77 -2.76 -12.52
CA VAL A 43 11.51 -3.93 -12.07
C VAL A 43 12.98 -3.87 -12.47
N ARG A 44 13.26 -3.45 -13.70
CA ARG A 44 14.65 -3.45 -14.16
C ARG A 44 15.59 -2.62 -13.28
N PRO A 45 15.22 -1.36 -12.96
CA PRO A 45 16.11 -0.60 -12.07
C PRO A 45 16.25 -1.24 -10.68
N LEU A 46 15.19 -1.86 -10.17
CA LEU A 46 15.30 -2.57 -8.91
C LEU A 46 16.33 -3.68 -9.02
N ALA A 47 16.22 -4.46 -10.10
CA ALA A 47 17.09 -5.61 -10.32
C ALA A 47 18.56 -5.21 -10.50
N ALA A 48 18.78 -3.98 -10.97
CA ALA A 48 20.12 -3.46 -11.23
C ALA A 48 20.72 -2.71 -10.05
N SER A 49 19.92 -2.53 -9.00
CA SER A 49 20.31 -1.66 -7.88
C SER A 49 21.10 -2.39 -6.80
N ALA A 50 21.57 -1.64 -5.80
CA ALA A 50 22.26 -2.22 -4.66
C ALA A 50 21.35 -3.15 -3.86
N HIS A 51 20.04 -3.01 -4.05
CA HIS A 51 19.07 -3.81 -3.33
C HIS A 51 18.91 -5.20 -3.94
N ARG A 52 19.60 -5.45 -5.06
CA ARG A 52 19.40 -6.68 -5.83
C ARG A 52 19.44 -7.94 -4.98
N ASP A 53 20.50 -8.11 -4.20
CA ASP A 53 20.70 -9.37 -3.50
C ASP A 53 19.61 -9.65 -2.46
N TRP A 54 19.22 -8.64 -1.67
CA TRP A 54 18.17 -8.86 -0.68
C TRP A 54 16.80 -9.04 -1.34
N ILE A 55 16.56 -8.35 -2.46
CA ILE A 55 15.32 -8.57 -3.22
C ILE A 55 15.26 -10.02 -3.72
N LEU A 56 16.31 -10.47 -4.41
CA LEU A 56 16.35 -11.83 -4.93
C LEU A 56 16.14 -12.86 -3.84
N ASP A 57 16.80 -12.67 -2.69
CA ASP A 57 16.67 -13.59 -1.56
C ASP A 57 15.23 -13.65 -1.08
N THR A 58 14.60 -12.49 -1.00
CA THR A 58 13.23 -12.38 -0.52
C THR A 58 12.25 -13.03 -1.49
N VAL A 59 12.35 -12.67 -2.76
CA VAL A 59 11.44 -13.20 -3.77
C VAL A 59 11.61 -14.71 -3.95
N ALA A 60 12.85 -15.20 -3.87
CA ALA A 60 13.13 -16.63 -3.95
C ALA A 60 12.38 -17.42 -2.89
N GLY A 61 12.12 -16.78 -1.76
CA GLY A 61 11.49 -17.44 -0.63
C GLY A 61 9.97 -17.43 -0.64
N LEU A 62 9.38 -16.67 -1.56
CA LEU A 62 7.92 -16.52 -1.58
C LEU A 62 7.15 -17.82 -1.84
N PRO A 63 7.58 -18.65 -2.81
CA PRO A 63 6.88 -19.92 -3.07
C PRO A 63 6.71 -20.78 -1.82
N THR A 64 7.68 -20.77 -0.91
CA THR A 64 7.54 -21.50 0.35
C THR A 64 6.37 -20.97 1.19
N TYR A 65 6.23 -19.65 1.27
CA TYR A 65 5.14 -19.06 2.02
C TYR A 65 3.80 -19.30 1.34
N TRP A 66 3.81 -19.26 0.00
CA TRP A 66 2.62 -19.63 -0.76
C TRP A 66 2.19 -21.07 -0.43
N ASP A 67 3.16 -21.98 -0.33
CA ASP A 67 2.84 -23.38 -0.03
C ASP A 67 2.09 -23.51 1.29
N ALA A 68 2.58 -22.79 2.30
CA ALA A 68 1.97 -22.80 3.63
C ALA A 68 0.57 -22.20 3.59
N LEU A 69 0.43 -21.08 2.88
CA LEU A 69 -0.88 -20.45 2.71
C LEU A 69 -1.88 -21.39 2.04
N ALA A 70 -1.44 -22.08 0.99
CA ALA A 70 -2.29 -23.00 0.25
C ALA A 70 -2.81 -24.14 1.12
N VAL A 71 -1.93 -24.65 1.99
CA VAL A 71 -2.32 -25.70 2.93
C VAL A 71 -3.34 -25.18 3.93
N LYS A 72 -3.09 -23.98 4.44
CA LYS A 72 -3.94 -23.38 5.46
C LYS A 72 -5.31 -22.97 4.92
N ILE A 73 -5.34 -22.52 3.67
CA ILE A 73 -6.55 -21.99 3.05
C ILE A 73 -6.73 -22.60 1.67
N PRO A 74 -7.18 -23.86 1.61
CA PRO A 74 -7.33 -24.57 0.34
C PRO A 74 -8.21 -23.84 -0.68
N ASN A 75 -9.24 -23.13 -0.26
CA ASN A 75 -10.06 -22.38 -1.23
C ASN A 75 -9.28 -21.33 -2.03
N ILE A 76 -8.23 -20.80 -1.43
CA ILE A 76 -7.33 -19.89 -2.14
C ILE A 76 -6.27 -20.67 -2.93
N GLY A 77 -5.71 -21.69 -2.30
CA GLY A 77 -4.72 -22.53 -2.94
C GLY A 77 -5.17 -23.15 -4.25
N ASN A 78 -6.45 -23.49 -4.34
CA ASN A 78 -7.02 -24.13 -5.54
C ASN A 78 -7.49 -23.15 -6.60
N ALA A 79 -7.59 -21.88 -6.23
CA ALA A 79 -8.24 -20.88 -7.08
C ALA A 79 -7.32 -20.18 -8.07
N ILE A 80 -6.03 -20.11 -7.76
CA ILE A 80 -5.08 -19.36 -8.57
C ILE A 80 -3.77 -20.12 -8.64
N PRO A 81 -3.02 -19.94 -9.74
CA PRO A 81 -1.72 -20.60 -9.91
C PRO A 81 -0.63 -19.80 -9.19
N GLY A 82 -0.74 -19.71 -7.87
CA GLY A 82 0.13 -18.89 -7.06
C GLY A 82 1.59 -19.24 -7.21
N ARG A 83 1.90 -20.52 -7.21
CA ARG A 83 3.30 -20.97 -7.34
CA ARG A 83 3.31 -20.90 -7.30
C ARG A 83 3.92 -20.49 -8.64
N ARG A 84 3.19 -20.65 -9.73
CA ARG A 84 3.69 -20.25 -11.05
C ARG A 84 3.90 -18.74 -11.10
N GLN A 85 2.94 -17.99 -10.55
CA GLN A 85 3.05 -16.54 -10.55
C GLN A 85 4.29 -16.11 -9.79
N LEU A 86 4.62 -16.81 -8.72
CA LEU A 86 5.77 -16.45 -7.90
C LEU A 86 7.11 -16.95 -8.47
N THR A 87 7.12 -18.11 -9.12
CA THR A 87 8.34 -18.55 -9.78
C THR A 87 8.63 -17.63 -10.98
N ASP A 88 7.58 -17.23 -11.70
CA ASP A 88 7.75 -16.25 -12.76
C ASP A 88 8.31 -14.92 -12.21
N LEU A 89 7.84 -14.51 -11.04
CA LEU A 89 8.32 -13.27 -10.43
C LEU A 89 9.81 -13.37 -10.11
N ASP A 90 10.25 -14.54 -9.64
CA ASP A 90 11.65 -14.71 -9.33
C ASP A 90 12.51 -14.60 -10.59
N THR A 91 12.10 -15.31 -11.63
CA THR A 91 12.80 -15.24 -12.92
C THR A 91 12.85 -13.82 -13.47
N TRP A 92 11.77 -13.08 -13.29
CA TRP A 92 11.68 -11.70 -13.76
C TRP A 92 12.84 -10.87 -13.19
N PHE A 93 13.03 -10.93 -11.88
CA PHE A 93 14.12 -10.23 -11.22
C PHE A 93 15.49 -10.83 -11.50
N ARG A 94 15.56 -12.15 -11.51
CA ARG A 94 16.84 -12.84 -11.54
C ARG A 94 17.45 -12.83 -12.95
N HIS A 95 16.61 -13.01 -13.96
CA HIS A 95 17.11 -13.18 -15.33
C HIS A 95 16.50 -12.21 -16.34
N GLY A 96 15.42 -11.54 -15.95
CA GLY A 96 14.75 -10.60 -16.83
C GLY A 96 13.46 -11.15 -17.39
N ALA A 97 12.59 -10.25 -17.85
CA ALA A 97 11.25 -10.64 -18.28
C ALA A 97 11.19 -11.18 -19.71
N GLY A 98 12.15 -10.80 -20.54
CA GLY A 98 12.13 -11.16 -21.95
C GLY A 98 11.18 -10.25 -22.70
N ASP A 99 10.40 -10.81 -23.61
CA ASP A 99 9.43 -10.01 -24.35
C ASP A 99 8.24 -9.67 -23.46
N VAL A 100 8.08 -8.39 -23.15
CA VAL A 100 7.00 -7.96 -22.27
C VAL A 100 5.89 -7.31 -23.09
N THR A 101 5.95 -7.52 -24.40
CA THR A 101 5.04 -6.86 -25.33
C THR A 101 3.84 -7.74 -25.66
N GLN A 102 3.93 -9.02 -25.31
CA GLN A 102 2.94 -10.01 -25.75
C GLN A 102 1.56 -9.86 -25.12
N ASP A 103 1.50 -9.89 -23.79
CA ASP A 103 0.22 -9.95 -23.07
C ASP A 103 -0.13 -8.65 -22.36
N ASP A 104 -1.29 -8.08 -22.71
CA ASP A 104 -1.75 -6.83 -22.11
C ASP A 104 -2.56 -7.06 -20.84
N ALA A 105 -2.55 -8.29 -20.34
CA ALA A 105 -3.30 -8.62 -19.12
C ALA A 105 -2.73 -7.87 -17.92
N THR A 106 -3.61 -7.43 -17.03
CA THR A 106 -3.16 -6.76 -15.81
C THR A 106 -2.58 -7.79 -14.85
N LEU A 107 -1.57 -7.39 -14.09
CA LEU A 107 -0.90 -8.27 -13.15
C LEU A 107 -1.76 -8.50 -11.91
N PRO A 108 -1.69 -9.71 -11.32
CA PRO A 108 -2.48 -10.01 -10.12
C PRO A 108 -1.87 -9.41 -8.86
N SER A 109 -2.67 -9.26 -7.81
CA SER A 109 -2.19 -8.64 -6.58
C SER A 109 -1.15 -9.48 -5.84
N ILE A 110 -1.13 -10.79 -6.07
CA ILE A 110 -0.12 -11.64 -5.46
C ILE A 110 1.30 -11.23 -5.89
N VAL A 111 1.39 -10.61 -7.07
CA VAL A 111 2.66 -10.08 -7.58
C VAL A 111 2.77 -8.56 -7.38
N VAL A 112 1.69 -7.83 -7.62
CA VAL A 112 1.75 -6.37 -7.51
C VAL A 112 1.98 -5.92 -6.07
N GLY A 113 1.42 -6.62 -5.10
CA GLY A 113 1.64 -6.26 -3.72
C GLY A 113 3.13 -6.26 -3.39
N PRO A 114 3.81 -7.39 -3.60
CA PRO A 114 5.26 -7.45 -3.36
C PRO A 114 6.03 -6.39 -4.14
N LEU A 115 5.70 -6.20 -5.41
CA LEU A 115 6.45 -5.27 -6.24
C LEU A 115 6.27 -3.83 -5.75
N VAL A 116 5.05 -3.45 -5.38
CA VAL A 116 4.84 -2.09 -4.90
C VAL A 116 5.48 -1.85 -3.54
N VAL A 117 5.53 -2.85 -2.67
CA VAL A 117 6.30 -2.73 -1.45
C VAL A 117 7.76 -2.40 -1.77
N LEU A 118 8.35 -3.13 -2.71
CA LEU A 118 9.74 -2.91 -3.07
C LEU A 118 9.94 -1.53 -3.68
N ILE A 119 9.01 -1.12 -4.55
CA ILE A 119 9.09 0.20 -5.15
C ILE A 119 9.07 1.28 -4.07
N GLN A 120 8.15 1.16 -3.13
CA GLN A 120 8.04 2.14 -2.06
C GLN A 120 9.25 2.16 -1.14
N LEU A 121 9.74 0.99 -0.75
CA LEU A 121 10.90 0.94 0.14
C LEU A 121 12.15 1.52 -0.52
N THR A 122 12.34 1.25 -1.81
CA THR A 122 13.52 1.75 -2.50
C THR A 122 13.38 3.25 -2.76
N GLN A 123 12.17 3.73 -3.06
CA GLN A 123 11.98 5.19 -3.15
C GLN A 123 12.31 5.87 -1.84
N TYR A 124 11.84 5.28 -0.74
CA TYR A 124 12.11 5.83 0.58
C TYR A 124 13.61 5.94 0.84
N TRP A 125 14.35 4.85 0.57
CA TRP A 125 15.78 4.88 0.78
C TRP A 125 16.45 5.93 -0.11
N ARG A 126 16.02 6.02 -1.36
CA ARG A 126 16.58 7.00 -2.28
C ARG A 126 16.27 8.44 -1.83
N TYR A 127 15.10 8.65 -1.25
CA TYR A 127 14.76 9.96 -0.70
C TYR A 127 15.70 10.34 0.44
N LEU A 128 15.97 9.38 1.33
CA LEU A 128 16.92 9.63 2.39
C LEU A 128 18.29 9.98 1.82
N GLU A 129 18.68 9.28 0.76
CA GLU A 129 19.95 9.54 0.11
C GLU A 129 20.02 10.96 -0.48
N LEU A 130 18.96 11.35 -1.16
CA LEU A 130 18.90 12.66 -1.80
C LEU A 130 18.88 13.82 -0.80
N THR A 131 18.37 13.55 0.40
CA THR A 131 18.24 14.59 1.43
C THR A 131 19.23 14.41 2.61
N ARG A 132 20.18 13.51 2.48
CA ARG A 132 21.06 13.20 3.60
C ARG A 132 21.93 14.38 4.01
N PRO A 133 22.31 14.46 5.29
CA PRO A 133 23.24 15.48 5.78
C PRO A 133 24.51 15.48 4.96
N ASP A 134 25.10 16.66 4.77
CA ASP A 134 26.27 16.83 3.90
C ASP A 134 27.49 15.99 4.29
N HIS A 135 27.59 15.63 5.57
CA HIS A 135 28.76 14.91 6.07
C HIS A 135 28.66 13.39 5.86
N LEU A 136 27.47 12.91 5.51
CA LEU A 136 27.25 11.47 5.33
C LEU A 136 27.52 11.00 3.91
N GLU A 137 28.26 9.89 3.79
CA GLU A 137 28.46 9.24 2.50
C GLU A 137 27.15 8.63 2.04
N ASP A 138 26.97 8.47 0.73
CA ASP A 138 25.72 7.93 0.20
C ASP A 138 25.58 6.44 0.51
N SER A 139 26.66 5.83 0.98
CA SER A 139 26.66 4.42 1.35
C SER A 139 26.42 4.24 2.85
N ALA A 140 26.23 5.36 3.54
CA ALA A 140 25.98 5.34 4.98
C ALA A 140 24.65 4.67 5.32
N ASP A 141 24.52 4.22 6.56
CA ASP A 141 23.25 3.68 7.03
C ASP A 141 22.28 4.83 7.23
N LEU A 142 21.50 5.11 6.20
CA LEU A 142 20.61 6.26 6.24
C LEU A 142 19.44 6.07 7.20
N GLN A 143 18.99 4.83 7.39
CA GLN A 143 17.89 4.56 8.32
C GLN A 143 18.35 4.80 9.76
N ALA A 144 19.53 4.28 10.09
CA ALA A 144 20.08 4.49 11.43
C ALA A 144 20.17 5.98 11.71
N ASP A 145 20.58 6.74 10.71
CA ASP A 145 20.75 8.18 10.87
C ASP A 145 19.42 8.90 11.15
N VAL A 146 18.39 8.64 10.37
CA VAL A 146 17.14 9.37 10.59
C VAL A 146 16.47 8.96 11.89
N VAL A 147 16.64 7.70 12.26
CA VAL A 147 16.10 7.19 13.52
C VAL A 147 16.84 7.78 14.73
N THR A 148 18.16 7.90 14.62
CA THR A 148 18.94 8.46 15.71
C THR A 148 18.66 9.94 15.90
N ARG A 149 18.41 10.65 14.80
CA ARG A 149 18.24 12.11 14.86
C ARG A 149 16.80 12.57 15.12
N GLN A 150 15.86 11.63 15.25
CA GLN A 150 14.43 11.93 15.28
C GLN A 150 14.02 12.79 16.48
N THR A 151 14.93 12.90 17.45
CA THR A 151 14.72 13.71 18.65
C THR A 151 15.24 15.14 18.52
N GLN A 152 16.03 15.41 17.49
CA GLN A 152 16.57 16.77 17.26
C GLN A 152 15.44 17.72 16.87
N PRO A 153 15.62 19.02 17.12
CA PRO A 153 14.56 19.96 16.74
C PRO A 153 14.32 19.96 15.23
N GLY A 154 13.06 19.78 14.83
CA GLY A 154 12.71 19.73 13.42
C GLY A 154 13.10 18.45 12.71
N ALA A 155 13.32 17.37 13.47
CA ALA A 155 13.71 16.09 12.86
C ALA A 155 12.79 14.93 13.22
N LYS A 156 11.66 15.22 13.85
CA LYS A 156 10.68 14.18 14.12
C LYS A 156 10.25 13.50 12.82
N VAL A 157 10.10 12.18 12.85
CA VAL A 157 9.68 11.39 11.69
C VAL A 157 8.57 10.40 12.08
N GLU A 158 7.50 10.35 11.29
CA GLU A 158 6.50 9.32 11.45
C GLU A 158 6.26 8.69 10.09
N THR A 159 5.79 7.44 10.07
CA THR A 159 5.36 6.86 8.80
C THR A 159 3.85 6.66 8.81
N LEU A 160 3.26 6.77 7.63
CA LEU A 160 1.82 6.75 7.50
C LEU A 160 1.47 5.98 6.22
N GLY A 161 0.99 4.76 6.36
CA GLY A 161 0.60 4.00 5.19
C GLY A 161 -0.88 4.11 4.90
N PHE A 162 -1.21 3.97 3.62
CA PHE A 162 -2.57 4.07 3.11
C PHE A 162 -2.83 2.72 2.41
N CYS A 163 -3.73 1.89 2.96
CA CYS A 163 -4.02 0.57 2.38
C CYS A 163 -2.71 -0.25 2.28
N ALA A 164 -2.31 -0.65 1.08
CA ALA A 164 -1.10 -1.45 0.90
C ALA A 164 0.14 -0.71 1.42
N GLY A 165 0.07 0.62 1.44
CA GLY A 165 1.17 1.42 1.95
C GLY A 165 1.51 1.09 3.38
N LEU A 166 0.54 0.56 4.13
CA LEU A 166 0.81 0.13 5.50
C LEU A 166 1.92 -0.90 5.58
N LEU A 167 2.03 -1.75 4.56
CA LEU A 167 3.02 -2.82 4.58
C LEU A 167 4.43 -2.20 4.63
N ALA A 168 4.67 -1.22 3.77
CA ALA A 168 5.97 -0.56 3.72
C ALA A 168 6.14 0.38 4.91
N ALA A 169 5.08 1.09 5.28
CA ALA A 169 5.17 2.07 6.37
C ALA A 169 5.55 1.42 7.68
N VAL A 170 4.97 0.24 7.93
CA VAL A 170 5.24 -0.48 9.17
C VAL A 170 6.61 -1.15 9.14
N ALA A 171 7.06 -1.55 7.95
CA ALA A 171 8.42 -2.07 7.80
C ALA A 171 9.46 -0.98 8.19
N VAL A 172 9.27 0.24 7.65
CA VAL A 172 10.19 1.33 7.95
C VAL A 172 10.11 1.71 9.44
N ALA A 173 8.90 1.75 9.99
CA ALA A 173 8.73 2.09 11.39
C ALA A 173 9.35 1.07 12.32
N SER A 174 9.44 -0.18 11.86
CA SER A 174 10.04 -1.25 12.66
C SER A 174 11.57 -1.23 12.64
N ALA A 175 12.15 -0.51 11.69
CA ALA A 175 13.57 -0.64 11.38
C ALA A 175 14.44 0.44 12.01
N GLY A 176 15.40 0.02 12.80
CA GLY A 176 16.30 0.96 13.44
C GLY A 176 17.60 1.20 12.68
N ASN A 177 17.85 0.38 11.66
CA ASN A 177 19.11 0.45 10.90
C ASN A 177 18.93 -0.26 9.56
N ARG A 178 19.99 -0.34 8.77
CA ARG A 178 19.92 -0.95 7.44
C ARG A 178 19.55 -2.42 7.49
N GLN A 179 20.15 -3.15 8.43
CA GLN A 179 19.87 -4.58 8.53
C GLN A 179 18.39 -4.82 8.82
N GLU A 180 17.84 -4.02 9.73
CA GLU A 180 16.43 -4.16 10.09
C GLU A 180 15.50 -3.64 8.99
N PHE A 181 15.96 -2.67 8.22
CA PHE A 181 15.23 -2.22 7.04
C PHE A 181 15.04 -3.39 6.06
N GLN A 182 16.11 -4.14 5.83
CA GLN A 182 16.03 -5.32 4.96
C GLN A 182 15.17 -6.43 5.58
N LYS A 183 15.36 -6.69 6.86
CA LYS A 183 14.58 -7.70 7.57
C LYS A 183 13.08 -7.44 7.52
N TYR A 184 12.68 -6.24 7.93
CA TYR A 184 11.26 -5.91 7.99
C TYR A 184 10.69 -5.59 6.62
N GLY A 185 11.53 -5.09 5.71
CA GLY A 185 11.13 -4.95 4.32
C GLY A 185 10.75 -6.31 3.75
N ALA A 186 11.54 -7.34 4.05
CA ALA A 186 11.25 -8.69 3.57
C ALA A 186 9.94 -9.20 4.16
N VAL A 187 9.70 -8.93 5.44
CA VAL A 187 8.43 -9.27 6.07
C VAL A 187 7.27 -8.65 5.27
N ALA A 188 7.41 -7.37 4.97
CA ALA A 188 6.38 -6.65 4.22
C ALA A 188 6.10 -7.26 2.85
N VAL A 189 7.16 -7.67 2.15
CA VAL A 189 6.99 -8.31 0.84
C VAL A 189 6.21 -9.63 0.97
N ARG A 190 6.52 -10.43 1.99
CA ARG A 190 5.85 -11.70 2.18
C ARG A 190 4.37 -11.48 2.51
N LEU A 191 4.09 -10.50 3.37
CA LEU A 191 2.71 -10.22 3.78
C LEU A 191 1.91 -9.66 2.62
N ALA A 192 2.56 -8.85 1.79
CA ALA A 192 1.91 -8.31 0.61
C ALA A 192 1.52 -9.42 -0.34
N MSE A 193 2.41 -10.41 -0.51
CA MSE A 193 2.10 -11.56 -1.35
C MSE A 193 0.89 -12.27 -0.81
O MSE A 193 -0.03 -12.61 -1.55
CB MSE A 193 3.29 -12.52 -1.37
CG MSE A 193 3.11 -13.75 -2.26
SE MSE A 193 2.09 -15.19 -1.45
CE MSE A 193 3.49 -15.84 -0.32
N MSE A 194 0.85 -12.50 0.50
CA MSE A 194 -0.22 -13.29 1.09
C MSE A 194 -1.56 -12.58 1.06
O MSE A 194 -2.60 -13.18 0.76
CB MSE A 194 0.18 -13.70 2.50
CG MSE A 194 1.44 -14.58 2.49
SE MSE A 194 2.32 -14.85 4.19
CE MSE A 194 1.40 -16.43 4.78
N ALA A 195 -1.57 -11.30 1.38
CA ALA A 195 -2.78 -10.49 1.23
C ALA A 195 -3.24 -10.47 -0.22
N GLY A 196 -2.30 -10.28 -1.14
CA GLY A 196 -2.60 -10.30 -2.55
C GLY A 196 -3.24 -11.61 -2.98
N ALA A 197 -2.76 -12.72 -2.43
CA ALA A 197 -3.31 -14.03 -2.75
C ALA A 197 -4.78 -14.14 -2.31
N LEU A 198 -5.10 -13.63 -1.13
CA LEU A 198 -6.48 -13.67 -0.66
C LEU A 198 -7.38 -12.85 -1.55
N ILE A 199 -6.91 -11.69 -1.99
CA ILE A 199 -7.69 -10.85 -2.89
C ILE A 199 -7.86 -11.55 -4.24
N ASP A 200 -6.75 -12.05 -4.81
CA ASP A 200 -6.80 -12.72 -6.10
C ASP A 200 -7.66 -13.98 -6.09
N GLY A 201 -7.56 -14.75 -4.99
CA GLY A 201 -8.27 -16.02 -4.91
C GLY A 201 -9.76 -15.79 -4.88
N GLN A 202 -10.18 -14.80 -4.09
CA GLN A 202 -11.60 -14.51 -4.00
C GLN A 202 -12.11 -13.99 -5.33
N GLU A 203 -11.29 -13.19 -6.00
CA GLU A 203 -11.63 -12.68 -7.32
C GLU A 203 -11.81 -13.82 -8.33
N ALA A 204 -10.92 -14.80 -8.34
CA ALA A 204 -11.04 -15.93 -9.25
C ALA A 204 -12.32 -16.73 -8.98
N ARG A 205 -12.62 -16.94 -7.69
CA ARG A 205 -13.84 -17.64 -7.29
C ARG A 205 -15.10 -16.86 -7.70
N ASP A 206 -15.06 -15.53 -7.53
CA ASP A 206 -16.20 -14.70 -7.91
C ASP A 206 -16.45 -14.69 -9.40
N LYS A 207 -15.37 -14.68 -10.19
CA LYS A 207 -15.50 -14.64 -11.64
C LYS A 207 -16.18 -15.88 -12.20
N ALA A 208 -16.19 -16.96 -11.41
CA ALA A 208 -16.79 -18.22 -11.82
C ALA A 208 -18.26 -18.25 -11.47
N THR A 209 -18.81 -17.12 -11.03
CA THR A 209 -20.22 -17.00 -10.66
C THR A 209 -20.89 -15.90 -11.45
N ARG A 210 -22.22 -15.86 -11.40
CA ARG A 210 -23.00 -14.86 -12.11
C ARG A 210 -22.67 -13.45 -11.64
N ASP A 211 -22.25 -13.31 -10.38
CA ASP A 211 -21.97 -11.99 -9.84
C ASP A 211 -20.72 -11.39 -10.47
N GLY A 212 -19.80 -12.25 -10.90
CA GLY A 212 -18.56 -11.79 -11.49
C GLY A 212 -17.56 -11.30 -10.46
N GLY A 213 -16.36 -10.99 -10.92
CA GLY A 213 -15.39 -10.32 -10.07
C GLY A 213 -15.84 -8.91 -9.75
N SER A 214 -15.02 -8.21 -8.98
CA SER A 214 -15.38 -6.88 -8.50
C SER A 214 -14.52 -5.77 -9.08
N VAL A 215 -15.12 -4.59 -9.16
CA VAL A 215 -14.44 -3.41 -9.68
C VAL A 215 -14.72 -2.28 -8.72
N SER A 216 -13.92 -1.23 -8.81
CA SER A 216 -14.03 -0.11 -7.87
C SER A 216 -14.12 1.21 -8.59
N TYR A 217 -14.74 2.17 -7.92
CA TYR A 217 -14.95 3.49 -8.51
C TYR A 217 -14.60 4.57 -7.50
N ALA A 218 -13.87 5.57 -7.98
CA ALA A 218 -13.66 6.79 -7.23
C ALA A 218 -14.88 7.67 -7.43
N ILE A 219 -15.57 8.01 -6.36
CA ILE A 219 -16.78 8.81 -6.44
C ILE A 219 -16.64 10.13 -5.68
N ALA A 220 -17.40 11.12 -6.08
CA ALA A 220 -17.30 12.45 -5.49
C ALA A 220 -18.65 13.11 -5.55
N TRP A 221 -19.03 13.81 -4.47
CA TRP A 221 -20.27 14.52 -4.42
C TRP A 221 -20.04 15.90 -3.83
N ARG A 222 -21.08 16.71 -3.75
CA ARG A 222 -20.95 18.05 -3.21
C ARG A 222 -22.03 18.26 -2.16
N GLY A 223 -21.61 18.34 -0.90
CA GLY A 223 -22.55 18.63 0.18
C GLY A 223 -23.06 17.43 0.94
N GLN A 224 -23.60 17.70 2.13
CA GLN A 224 -24.12 16.68 3.04
C GLN A 224 -25.15 15.77 2.39
N LYS A 225 -26.19 16.39 1.81
CA LYS A 225 -27.32 15.65 1.26
C LYS A 225 -26.95 14.64 0.18
N PRO A 226 -26.29 15.11 -0.89
CA PRO A 226 -25.85 14.21 -1.98
C PRO A 226 -24.97 13.06 -1.48
N GLY A 227 -24.18 13.32 -0.43
CA GLY A 227 -23.39 12.29 0.20
C GLY A 227 -24.27 11.23 0.83
N GLU A 228 -25.36 11.67 1.44
CA GLU A 228 -26.30 10.74 2.07
C GLU A 228 -27.02 9.88 1.04
N GLU A 229 -27.35 10.48 -0.10
CA GLU A 229 -27.98 9.74 -1.19
C GLU A 229 -27.03 8.68 -1.73
N ALA A 230 -25.77 9.06 -1.90
CA ALA A 230 -24.76 8.10 -2.35
C ALA A 230 -24.68 6.93 -1.39
N ALA A 231 -24.67 7.23 -0.09
CA ALA A 231 -24.59 6.18 0.91
C ALA A 231 -25.82 5.27 0.87
N ARG A 232 -26.98 5.86 0.63
CA ARG A 232 -28.23 5.12 0.51
C ARG A 232 -28.20 4.16 -0.68
N ILE A 233 -27.72 4.65 -1.81
CA ILE A 233 -27.57 3.84 -3.02
C ILE A 233 -26.63 2.65 -2.82
N VAL A 234 -25.49 2.89 -2.17
CA VAL A 234 -24.56 1.80 -1.90
C VAL A 234 -25.17 0.80 -0.92
N LYS A 235 -25.81 1.31 0.13
CA LYS A 235 -26.46 0.42 1.09
C LYS A 235 -27.52 -0.46 0.42
N ASP A 236 -28.30 0.11 -0.48
CA ASP A 236 -29.33 -0.66 -1.20
C ASP A 236 -28.72 -1.80 -2.00
N LEU A 237 -27.46 -1.63 -2.39
CA LEU A 237 -26.73 -2.66 -3.15
C LEU A 237 -25.86 -3.56 -2.27
N ASN A 238 -25.98 -3.41 -0.96
CA ASN A 238 -25.35 -4.29 0.03
C ASN A 238 -25.84 -5.71 -0.22
N PRO A 239 -24.96 -6.73 -0.11
CA PRO A 239 -23.53 -6.72 0.21
C PRO A 239 -22.66 -6.70 -1.05
N ASN A 240 -23.26 -6.61 -2.22
CA ASN A 240 -22.48 -6.54 -3.47
C ASN A 240 -21.57 -5.33 -3.50
N ALA A 241 -22.12 -4.19 -3.11
CA ALA A 241 -21.40 -2.92 -3.08
C ALA A 241 -21.10 -2.50 -1.65
N TYR A 242 -19.95 -1.84 -1.46
CA TYR A 242 -19.60 -1.30 -0.15
C TYR A 242 -18.59 -0.16 -0.30
N PHE A 243 -18.47 0.67 0.74
CA PHE A 243 -17.46 1.72 0.78
C PHE A 243 -16.14 1.11 1.26
N ALA A 244 -15.15 1.07 0.38
CA ALA A 244 -13.83 0.56 0.73
C ALA A 244 -12.99 1.63 1.41
N VAL A 245 -13.03 2.84 0.86
CA VAL A 245 -12.18 3.93 1.34
C VAL A 245 -12.98 5.22 1.47
N LEU A 246 -12.84 5.89 2.62
CA LEU A 246 -13.32 7.25 2.78
C LEU A 246 -12.12 8.13 2.52
N TYR A 247 -12.12 8.82 1.38
CA TYR A 247 -10.88 9.43 0.88
C TYR A 247 -10.75 10.92 1.22
N ASP A 248 -11.83 11.67 1.04
CA ASP A 248 -11.84 13.08 1.37
C ASP A 248 -13.21 13.40 1.96
N GLU A 249 -13.41 14.66 2.32
CA GLU A 249 -14.66 15.08 2.93
C GLU A 249 -15.87 14.62 2.12
N ALA A 250 -15.75 14.70 0.81
CA ALA A 250 -16.86 14.31 -0.08
C ALA A 250 -16.33 13.43 -1.22
N ARG A 251 -15.40 12.54 -0.90
N ARG A 251 -15.37 12.57 -0.89
CA ARG A 251 -14.84 11.60 -1.87
CA ARG A 251 -14.87 11.59 -1.85
C ARG A 251 -14.65 10.23 -1.23
C ARG A 251 -14.78 10.22 -1.18
N ALA A 252 -15.00 9.18 -1.97
CA ALA A 252 -14.85 7.82 -1.45
C ALA A 252 -14.54 6.87 -2.59
N THR A 253 -14.09 5.68 -2.25
CA THR A 253 -13.96 4.59 -3.23
C THR A 253 -14.94 3.50 -2.87
N VAL A 254 -15.76 3.14 -3.85
CA VAL A 254 -16.78 2.11 -3.68
C VAL A 254 -16.41 0.92 -4.53
N THR A 255 -16.65 -0.27 -4.00
CA THR A 255 -16.38 -1.51 -4.70
C THR A 255 -17.68 -2.26 -4.87
N THR A 256 -17.89 -2.87 -6.03
CA THR A 256 -19.05 -3.72 -6.20
C THR A 256 -18.79 -4.84 -7.21
N THR A 257 -19.66 -5.83 -7.21
CA THR A 257 -19.56 -6.90 -8.20
C THR A 257 -19.84 -6.38 -9.59
N ARG A 258 -19.23 -7.02 -10.59
CA ARG A 258 -19.45 -6.67 -12.00
C ARG A 258 -20.93 -6.67 -12.37
N ARG A 259 -21.68 -7.63 -11.84
CA ARG A 259 -23.11 -7.76 -12.13
C ARG A 259 -23.88 -6.50 -11.75
N THR A 260 -23.51 -5.89 -10.63
CA THR A 260 -24.26 -4.75 -10.12
C THR A 260 -23.60 -3.42 -10.44
N ALA A 261 -22.44 -3.46 -11.08
CA ALA A 261 -21.70 -2.22 -11.35
C ALA A 261 -22.47 -1.20 -12.20
N PRO A 262 -23.10 -1.63 -13.31
CA PRO A 262 -23.83 -0.65 -14.11
C PRO A 262 -24.93 0.05 -13.31
N SER A 263 -25.65 -0.72 -12.51
CA SER A 263 -26.67 -0.15 -11.64
CA SER A 263 -26.67 -0.16 -11.63
C SER A 263 -26.07 0.88 -10.67
N LEU A 264 -24.97 0.51 -10.02
CA LEU A 264 -24.33 1.42 -9.10
C LEU A 264 -23.92 2.72 -9.79
N VAL A 265 -23.20 2.58 -10.90
CA VAL A 265 -22.72 3.74 -11.65
C VAL A 265 -23.87 4.63 -12.13
N ASN A 266 -24.91 4.02 -12.70
CA ASN A 266 -26.02 4.80 -13.24
C ASN A 266 -26.84 5.50 -12.16
N ARG A 267 -27.03 4.86 -11.02
N ARG A 267 -27.02 4.83 -11.02
CA ARG A 267 -27.81 5.51 -9.95
CA ARG A 267 -27.78 5.40 -9.90
C ARG A 267 -27.02 6.64 -9.31
C ARG A 267 -27.04 6.57 -9.24
N LEU A 268 -25.72 6.42 -9.09
CA LEU A 268 -24.88 7.47 -8.53
C LEU A 268 -24.85 8.67 -9.44
N ARG A 269 -24.63 8.46 -10.73
CA ARG A 269 -24.64 9.58 -11.66
C ARG A 269 -25.97 10.34 -11.69
N ALA A 270 -27.08 9.60 -11.62
CA ALA A 270 -28.39 10.27 -11.59
C ALA A 270 -28.59 11.08 -10.30
N ALA A 271 -27.82 10.76 -9.27
CA ALA A 271 -27.88 11.49 -8.01
C ALA A 271 -26.80 12.58 -7.93
N ASP A 272 -26.23 12.89 -9.09
CA ASP A 272 -25.27 13.99 -9.20
C ASP A 272 -23.95 13.67 -8.49
N VAL A 273 -23.58 12.41 -8.51
CA VAL A 273 -22.30 11.96 -7.97
C VAL A 273 -21.41 11.61 -9.14
N THR A 274 -20.20 12.14 -9.18
CA THR A 274 -19.25 11.73 -10.21
C THR A 274 -18.69 10.35 -9.91
N VAL A 275 -18.45 9.57 -10.96
CA VAL A 275 -18.04 8.19 -10.83
C VAL A 275 -16.94 7.92 -11.83
N ALA A 276 -15.79 7.50 -11.36
CA ALA A 276 -14.69 7.18 -12.26
C ALA A 276 -14.09 5.84 -11.87
N GLU A 277 -14.04 4.92 -12.82
CA GLU A 277 -13.50 3.58 -12.53
C GLU A 277 -12.01 3.69 -12.25
N ILE A 278 -11.57 3.04 -11.18
CA ILE A 278 -10.16 2.86 -10.95
C ILE A 278 -9.75 1.45 -11.38
N GLY A 279 -8.44 1.22 -11.44
CA GLY A 279 -7.94 0.02 -12.09
C GLY A 279 -8.00 -1.24 -11.26
N ILE A 280 -7.70 -1.15 -9.98
CA ILE A 280 -7.52 -2.33 -9.15
C ILE A 280 -8.76 -3.22 -9.11
N LYS A 281 -8.54 -4.52 -9.34
CA LYS A 281 -9.61 -5.50 -9.34
C LYS A 281 -9.71 -6.18 -7.97
N GLY A 282 -10.90 -6.68 -7.65
CA GLY A 282 -11.06 -7.42 -6.41
C GLY A 282 -11.60 -6.58 -5.28
N ARG A 283 -11.69 -7.20 -4.11
CA ARG A 283 -12.35 -6.60 -2.97
C ARG A 283 -11.35 -6.40 -1.86
N ILE A 284 -11.04 -5.14 -1.55
CA ILE A 284 -10.11 -4.80 -0.49
C ILE A 284 -10.91 -4.08 0.60
N HIS A 285 -10.42 -4.11 1.83
CA HIS A 285 -11.15 -3.50 2.94
C HIS A 285 -12.58 -4.05 2.97
N SER A 286 -12.70 -5.37 2.81
CA SER A 286 -14.00 -5.98 2.56
C SER A 286 -14.67 -6.55 3.80
N PRO A 287 -15.98 -6.30 3.95
CA PRO A 287 -16.76 -6.84 5.06
C PRO A 287 -17.31 -8.25 4.78
N ASP A 288 -16.99 -8.83 3.62
CA ASP A 288 -17.55 -10.16 3.25
C ASP A 288 -17.23 -11.22 4.31
N SER A 289 -18.19 -12.10 4.59
CA SER A 289 -17.97 -13.20 5.53
C SER A 289 -16.82 -14.09 5.09
N GLU A 290 -16.77 -14.44 3.80
CA GLU A 290 -15.67 -15.27 3.31
C GLU A 290 -14.31 -14.61 3.57
N ARG A 291 -14.24 -13.31 3.32
CA ARG A 291 -13.02 -12.55 3.57
C ARG A 291 -12.65 -12.57 5.06
N LYS A 292 -13.64 -12.36 5.94
CA LYS A 292 -13.38 -12.41 7.37
C LYS A 292 -12.79 -13.76 7.77
N ASN A 293 -13.38 -14.84 7.25
CA ASN A 293 -12.91 -16.17 7.61
C ASN A 293 -11.51 -16.43 7.08
N ASN A 294 -11.25 -16.03 5.84
CA ASN A 294 -9.91 -16.20 5.26
C ASN A 294 -8.87 -15.37 5.98
N THR A 295 -9.27 -14.19 6.42
CA THR A 295 -8.36 -13.30 7.12
C THR A 295 -8.01 -13.87 8.50
N ASP A 296 -9.00 -14.41 9.21
CA ASP A 296 -8.73 -15.09 10.48
C ASP A 296 -7.73 -16.22 10.28
N LEU A 297 -7.89 -16.99 9.21
CA LEU A 297 -6.95 -18.07 8.92
C LEU A 297 -5.55 -17.53 8.63
N LEU A 298 -5.45 -16.50 7.82
CA LEU A 298 -4.16 -15.89 7.52
C LEU A 298 -3.49 -15.33 8.78
N VAL A 299 -4.26 -14.66 9.63
CA VAL A 299 -3.72 -14.15 10.88
C VAL A 299 -3.15 -15.30 11.74
N ASP A 300 -3.88 -16.41 11.81
CA ASP A 300 -3.42 -17.56 12.57
C ASP A 300 -2.12 -18.10 12.01
N LEU A 301 -2.04 -18.21 10.69
CA LEU A 301 -0.85 -18.71 10.03
C LEU A 301 0.36 -17.82 10.30
N CYS A 302 0.17 -16.51 10.21
CA CYS A 302 1.27 -15.59 10.41
C CYS A 302 1.87 -15.70 11.80
N LYS A 303 1.03 -15.96 12.79
CA LYS A 303 1.47 -16.14 14.17
C LYS A 303 2.55 -17.21 14.27
N SER A 304 2.52 -18.17 13.36
CA SER A 304 3.42 -19.31 13.43
C SER A 304 4.81 -19.06 12.83
N PHE A 305 4.98 -17.92 12.17
CA PHE A 305 6.26 -17.58 11.53
C PHE A 305 6.94 -16.34 12.13
N GLU A 306 8.09 -16.53 12.76
CA GLU A 306 8.87 -15.39 13.22
C GLU A 306 9.21 -14.47 12.05
N ASP A 307 9.44 -15.05 10.88
CA ASP A 307 9.82 -14.26 9.72
C ASP A 307 8.66 -13.57 9.01
N LEU A 308 7.49 -13.60 9.65
CA LEU A 308 6.35 -12.82 9.19
C LEU A 308 5.97 -11.73 10.19
N GLN A 309 6.86 -11.48 11.15
CA GLN A 309 6.60 -10.49 12.20
C GLN A 309 7.28 -9.14 12.01
N TYR A 310 6.53 -8.09 12.22
CA TYR A 310 7.10 -6.76 12.37
C TYR A 310 7.57 -6.59 13.81
N ALA A 311 8.14 -5.43 14.13
CA ALA A 311 8.42 -5.09 15.53
C ALA A 311 7.11 -4.97 16.31
N ASP A 312 7.18 -5.17 17.62
CA ASP A 312 5.99 -4.99 18.45
C ASP A 312 5.66 -3.52 18.55
N ALA A 313 4.38 -3.21 18.76
CA ALA A 313 3.91 -1.83 18.89
C ALA A 313 4.66 -1.08 19.99
N ALA A 314 5.14 -1.79 21.00
CA ALA A 314 5.83 -1.16 22.12
C ALA A 314 7.31 -0.97 21.82
N SER A 315 7.75 -1.45 20.66
CA SER A 315 9.17 -1.47 20.32
C SER A 315 9.49 -0.91 18.95
N LEU A 316 8.64 -0.02 18.42
CA LEU A 316 8.87 0.51 17.08
C LEU A 316 10.05 1.50 17.11
N ALA A 317 10.78 1.57 16.01
CA ALA A 317 11.85 2.56 15.88
C ALA A 317 11.29 3.96 15.59
N LEU A 318 10.20 4.02 14.83
CA LEU A 318 9.52 5.27 14.50
C LEU A 318 8.03 5.07 14.72
N PRO A 319 7.30 6.15 15.05
CA PRO A 319 5.84 6.01 15.18
C PRO A 319 5.15 5.77 13.85
N THR A 320 4.03 5.06 13.90
CA THR A 320 3.29 4.75 12.68
C THR A 320 1.78 4.71 12.97
N TYR A 321 0.99 4.75 11.90
CA TYR A 321 -0.47 4.88 12.01
C TYR A 321 -1.21 3.67 11.46
N ASN A 322 -2.45 3.49 11.90
CA ASN A 322 -3.40 2.66 11.17
C ASN A 322 -4.29 3.55 10.32
N ASN A 323 -5.36 3.00 9.76
CA ASN A 323 -6.26 3.80 8.92
C ASN A 323 -7.63 3.96 9.58
N GLU A 324 -7.62 4.04 10.90
CA GLU A 324 -8.85 4.20 11.70
C GLU A 324 -9.02 5.59 12.31
N ALA A 325 -8.31 6.58 11.78
CA ALA A 325 -8.54 7.97 12.18
C ALA A 325 -8.31 8.20 13.68
N GLU A 326 -7.20 7.70 14.19
CA GLU A 326 -6.92 7.79 15.62
C GLU A 326 -6.49 9.18 16.06
N GLY A 327 -5.96 9.96 15.13
CA GLY A 327 -5.48 11.29 15.46
C GLY A 327 -4.05 11.29 16.00
N ARG A 328 -3.46 10.11 16.05
CA ARG A 328 -2.09 9.95 16.54
C ARG A 328 -1.58 8.58 16.11
N PRO A 329 -0.26 8.35 16.22
CA PRO A 329 0.29 7.04 15.89
C PRO A 329 -0.29 5.95 16.78
N VAL A 330 -0.24 4.71 16.31
CA VAL A 330 -0.76 3.59 17.08
C VAL A 330 -0.14 3.57 18.48
N SER A 331 -0.95 3.24 19.47
CA SER A 331 -0.49 3.24 20.85
C SER A 331 0.51 2.10 21.14
N ARG A 332 1.32 2.29 22.17
CA ARG A 332 2.39 1.34 22.47
C ARG A 332 1.89 -0.02 22.94
N ASP A 333 0.62 -0.09 23.35
CA ASP A 333 0.01 -1.36 23.76
C ASP A 333 -0.81 -2.05 22.66
N ARG A 334 -0.62 -1.61 21.41
CA ARG A 334 -1.43 -2.13 20.30
C ARG A 334 -1.09 -3.58 19.94
N GLY A 335 0.09 -4.05 20.36
CA GLY A 335 0.44 -5.45 20.20
C GLY A 335 0.95 -5.85 18.83
N ASN A 336 0.38 -6.92 18.27
CA ASN A 336 0.92 -7.51 17.05
C ASN A 336 0.67 -6.68 15.80
N MSE A 337 1.76 -6.19 15.20
CA MSE A 337 1.66 -5.26 14.09
C MSE A 337 1.35 -5.95 12.77
O MSE A 337 0.69 -5.38 11.90
CB MSE A 337 2.94 -4.43 14.00
CG MSE A 337 3.12 -3.47 15.19
SE MSE A 337 1.79 -2.06 15.26
CE MSE A 337 2.45 -0.98 13.82
N THR A 338 1.80 -7.19 12.62
CA THR A 338 1.44 -7.96 11.45
C THR A 338 -0.07 -8.17 11.39
N GLU A 339 -0.67 -8.56 12.52
CA GLU A 339 -2.11 -8.71 12.56
C GLU A 339 -2.79 -7.39 12.23
N MSE A 340 -2.29 -6.28 12.77
N MSE A 340 -2.28 -6.29 12.79
CA MSE A 340 -2.93 -5.00 12.51
CA MSE A 340 -2.84 -4.98 12.53
C MSE A 340 -2.91 -4.67 11.02
C MSE A 340 -2.90 -4.69 11.04
O MSE A 340 -3.93 -4.24 10.47
O MSE A 340 -3.95 -4.32 10.51
CB MSE A 340 -2.27 -3.90 13.32
CB MSE A 340 -2.02 -3.88 13.20
CG MSE A 340 -3.07 -2.61 13.27
CG MSE A 340 -2.66 -2.49 13.09
SE MSE A 340 -2.01 -1.11 13.89
SE MSE A 340 -2.26 -1.47 11.48
CE MSE A 340 -0.72 -0.99 12.43
CE MSE A 340 -0.54 -0.71 11.96
N VAL A 341 -1.77 -4.86 10.38
CA VAL A 341 -1.64 -4.54 8.97
C VAL A 341 -2.53 -5.45 8.10
N ILE A 342 -2.52 -6.76 8.38
CA ILE A 342 -3.32 -7.72 7.61
C ILE A 342 -4.81 -7.37 7.68
N ARG A 343 -5.30 -7.13 8.90
CA ARG A 343 -6.73 -6.82 9.07
C ARG A 343 -7.07 -5.46 8.49
N ALA A 344 -6.16 -4.51 8.62
CA ALA A 344 -6.42 -3.15 8.15
C ALA A 344 -6.61 -3.13 6.64
N ILE A 345 -5.85 -3.96 5.92
CA ILE A 345 -5.94 -4.01 4.48
C ILE A 345 -7.08 -4.91 4.00
N LEU A 346 -7.19 -6.10 4.58
CA LEU A 346 -8.12 -7.08 4.02
C LEU A 346 -9.58 -6.89 4.39
N VAL A 347 -9.83 -6.40 5.61
CA VAL A 347 -11.18 -6.32 6.16
C VAL A 347 -11.64 -4.92 6.53
N ASN A 348 -10.86 -4.24 7.37
CA ASN A 348 -11.34 -2.99 7.94
C ASN A 348 -11.47 -1.85 6.91
N GLN A 349 -12.53 -1.07 7.05
CA GLN A 349 -12.69 0.09 6.20
C GLN A 349 -11.49 1.01 6.36
N CYS A 350 -11.07 1.60 5.25
CA CYS A 350 -9.98 2.56 5.26
C CYS A 350 -10.53 3.98 5.41
N ASN A 351 -10.46 4.53 6.61
CA ASN A 351 -10.89 5.91 6.83
C ASN A 351 -9.71 6.83 6.61
N TRP A 352 -9.36 7.01 5.33
CA TRP A 352 -8.17 7.76 4.99
C TRP A 352 -8.32 9.25 5.31
N TYR A 353 -9.48 9.82 4.97
CA TYR A 353 -9.70 11.24 5.25
C TYR A 353 -9.46 11.54 6.73
N GLY A 354 -10.10 10.76 7.59
CA GLY A 354 -9.97 10.96 9.03
C GLY A 354 -8.57 10.69 9.52
N THR A 355 -7.92 9.68 8.94
CA THR A 355 -6.56 9.34 9.32
C THR A 355 -5.59 10.44 8.95
N PHE A 356 -5.67 10.92 7.72
CA PHE A 356 -4.74 11.93 7.25
C PHE A 356 -4.96 13.25 7.97
N LYS A 357 -6.22 13.64 8.13
CA LYS A 357 -6.53 14.87 8.86
C LYS A 357 -5.97 14.73 10.28
N GLY A 358 -6.16 13.56 10.88
CA GLY A 358 -5.71 13.32 12.24
C GLY A 358 -4.21 13.43 12.41
N ALA A 359 -3.48 12.99 11.39
CA ALA A 359 -2.01 12.97 11.42
C ALA A 359 -1.41 14.34 11.15
N THR A 360 -2.19 15.25 10.59
CA THR A 360 -1.63 16.53 10.13
C THR A 360 -2.20 17.75 10.84
N GLU A 361 -3.41 17.63 11.39
CA GLU A 361 -4.07 18.77 12.02
C GLU A 361 -3.28 19.31 13.19
N GLY A 362 -3.18 20.64 13.27
CA GLY A 362 -2.47 21.30 14.35
C GLY A 362 -0.96 21.19 14.27
N ARG A 363 -0.47 20.73 13.13
CA ARG A 363 0.95 20.51 12.91
C ARG A 363 1.36 21.06 11.55
N GLU A 364 2.65 21.11 11.26
CA GLU A 364 3.11 21.53 9.95
C GLU A 364 4.12 20.53 9.40
N PRO A 365 3.71 19.27 9.27
CA PRO A 365 4.66 18.23 8.86
C PRO A 365 5.00 18.34 7.37
N PHE A 366 6.23 18.00 7.03
CA PHE A 366 6.63 17.90 5.65
C PHE A 366 6.23 16.50 5.17
N VAL A 367 5.22 16.42 4.31
CA VAL A 367 4.63 15.15 3.90
C VAL A 367 5.26 14.70 2.59
N VAL A 368 5.99 13.58 2.65
CA VAL A 368 6.64 13.01 1.49
C VAL A 368 5.93 11.72 1.09
N THR A 369 5.33 11.68 -0.10
CA THR A 369 4.60 10.49 -0.54
C THR A 369 5.48 9.55 -1.36
N LEU A 370 5.60 8.31 -0.89
CA LEU A 370 6.30 7.28 -1.65
C LEU A 370 5.27 6.38 -2.32
N GLY A 371 5.56 5.96 -3.54
CA GLY A 371 4.63 5.12 -4.27
C GLY A 371 4.28 5.71 -5.63
N LEU A 372 3.16 5.27 -6.18
CA LEU A 372 2.83 5.61 -7.56
C LEU A 372 1.42 6.17 -7.72
N GLU A 373 0.85 6.64 -6.62
CA GLU A 373 -0.48 7.25 -6.64
C GLU A 373 -0.50 8.45 -5.69
N ARG A 374 -1.12 9.53 -6.12
CA ARG A 374 -1.20 10.73 -5.29
C ARG A 374 -2.21 10.49 -4.18
N SER A 375 -1.83 10.83 -2.96
CA SER A 375 -2.45 10.31 -1.75
C SER A 375 -2.91 11.36 -0.75
N VAL A 376 -2.69 12.64 -1.05
CA VAL A 376 -3.10 13.68 -0.12
C VAL A 376 -4.47 14.19 -0.54
N PRO A 377 -5.48 14.05 0.33
CA PRO A 377 -6.85 14.48 -0.02
C PRO A 377 -6.87 15.96 -0.45
N PRO A 378 -7.48 16.27 -1.61
CA PRO A 378 -7.45 17.63 -2.13
C PRO A 378 -7.82 18.72 -1.12
N THR A 379 -8.84 18.50 -0.30
CA THR A 379 -9.24 19.54 0.65
C THR A 379 -8.16 19.83 1.70
N LEU A 380 -7.25 18.88 1.89
CA LEU A 380 -6.24 19.00 2.94
C LEU A 380 -4.88 19.37 2.38
N MSE A 381 -4.73 19.26 1.07
CA MSE A 381 -3.47 19.56 0.41
C MSE A 381 -3.12 21.06 0.47
O MSE A 381 -1.95 21.42 0.60
CB MSE A 381 -3.52 19.07 -1.04
CG MSE A 381 -2.23 19.21 -1.81
SE MSE A 381 -2.29 18.11 -3.42
CE MSE A 381 -0.98 19.10 -4.49
N ARG A 382 -4.14 21.90 0.37
CA ARG A 382 -3.95 23.34 0.33
C ARG A 382 -3.19 23.84 1.57
N SER A 383 -3.62 23.39 2.74
CA SER A 383 -3.03 23.79 4.02
C SER A 383 -1.58 23.34 4.22
N LEU A 384 -1.18 22.26 3.56
CA LEU A 384 0.21 21.81 3.65
C LEU A 384 1.16 22.73 2.91
N GLY A 385 0.62 23.59 2.05
CA GLY A 385 1.43 24.55 1.33
C GLY A 385 2.60 23.90 0.60
N PRO A 386 3.80 24.50 0.73
CA PRO A 386 4.98 23.99 0.01
C PRO A 386 5.66 22.82 0.72
N HIS A 387 5.29 22.53 1.96
CA HIS A 387 6.00 21.48 2.69
C HIS A 387 5.40 20.10 2.47
N GLN A 388 5.45 19.68 1.21
CA GLN A 388 4.99 18.38 0.79
C GLN A 388 5.64 18.10 -0.55
N VAL A 389 5.83 16.82 -0.86
CA VAL A 389 6.30 16.44 -2.18
C VAL A 389 5.90 15.03 -2.49
N HIS A 390 5.49 14.80 -3.73
CA HIS A 390 5.16 13.46 -4.20
C HIS A 390 6.41 12.96 -4.89
N TYR A 391 6.95 11.84 -4.41
CA TYR A 391 8.25 11.34 -4.87
C TYR A 391 8.38 11.25 -6.41
N GLU A 392 7.33 10.83 -7.09
CA GLU A 392 7.37 10.74 -8.56
C GLU A 392 7.71 12.04 -9.25
N ASP A 393 7.50 13.17 -8.56
CA ASP A 393 7.74 14.48 -9.14
C ASP A 393 9.18 14.95 -9.01
N LEU A 394 10.00 14.19 -8.29
CA LEU A 394 11.38 14.60 -8.03
C LEU A 394 12.35 14.33 -9.16
N ALA A 395 13.25 15.27 -9.39
CA ALA A 395 14.33 15.06 -10.33
C ALA A 395 15.31 14.04 -9.77
N ASP A 396 15.95 13.27 -10.65
CA ASP A 396 16.99 12.32 -10.25
C ASP A 396 16.45 11.30 -9.26
N ASN A 397 15.22 10.87 -9.46
CA ASN A 397 14.57 9.96 -8.52
C ASN A 397 14.68 8.49 -8.88
N GLY A 398 15.43 8.17 -9.93
CA GLY A 398 15.62 6.78 -10.31
C GLY A 398 16.37 6.05 -9.22
N ILE A 399 16.10 4.75 -9.07
CA ILE A 399 16.88 3.95 -8.15
C ILE A 399 18.25 3.71 -8.78
N PRO A 400 19.32 4.17 -8.13
CA PRO A 400 20.65 4.09 -8.76
C PRO A 400 21.10 2.66 -8.98
N PRO A 401 21.77 2.40 -10.11
CA PRO A 401 22.35 1.07 -10.26
C PRO A 401 23.44 0.84 -9.21
N ALA A 402 23.68 -0.43 -8.86
CA ALA A 402 24.64 -0.78 -7.82
C ALA A 402 26.03 -0.21 -8.10
N PRO A 403 26.63 0.47 -7.11
CA PRO A 403 27.97 1.03 -7.23
C PRO A 403 28.99 0.01 -7.72
CA 6NA B . -5.13 -1.98 -2.27
C 6NA B . -4.77 -1.07 -1.11
O 6NA B . -3.68 -0.26 -1.49
CB 6NA B . -4.03 -2.98 -2.56
CG 6NA B . -3.73 -3.93 -1.42
CD 6NA B . -2.71 -4.97 -1.83
C6 6NA B . -2.42 -6.00 -0.76
CP1 HXC C . -8.05 7.93 -5.37
S HXC C . -8.76 7.43 -3.83
CM1 HXC C . -7.83 6.10 -3.46
CM2 HXC C . -8.49 4.80 -3.05
CM3 HXC C . -7.47 3.68 -2.79
OM2 HXC C . -6.63 6.19 -3.52
CM4 HXC C . -8.06 2.36 -3.27
CM5 HXC C . -7.65 1.17 -2.41
CM6 HXC C . -8.55 -0.01 -2.70
HP12 HXC C . -7.26 8.68 -5.18
HM21 HXC C . -9.16 4.48 -3.85
HM22 HXC C . -9.08 4.96 -2.16
HM31 HXC C . -7.25 3.62 -1.71
HM32 HXC C . -6.54 3.89 -3.31
HM41 HXC C . -7.74 2.18 -4.29
HM42 HXC C . -9.15 2.44 -3.26
HM51 HXC C . -7.72 1.44 -1.35
HM52 HXC C . -6.61 0.90 -2.62
HM61 HXC C . -8.26 -0.83 -2.10
HM62 HXC C . -8.47 -0.27 -3.72
HM63 HXC C . -9.55 0.25 -2.48
#